data_3DX8
#
_entry.id   3DX8
#
_cell.length_a   50.776
_cell.length_b   82.351
_cell.length_c   110.138
_cell.angle_alpha   90.000
_cell.angle_beta   90.000
_cell.angle_gamma   90.000
#
_symmetry.space_group_name_H-M   'P 21 21 21'
#
loop_
_entity.id
_entity.type
_entity.pdbx_description
1 polymer 'HLA class I histocompatibility complex HLA-B*4405'
2 polymer Beta-2-microglobulin
3 polymer 'EBV decapeptide epitope'
4 non-polymer GLYCEROL
5 water water
#
loop_
_entity_poly.entity_id
_entity_poly.type
_entity_poly.pdbx_seq_one_letter_code
_entity_poly.pdbx_strand_id
1 'polypeptide(L)'
;GSHSMRYFYTAMSRPGRGEPRFITVGYVDDTLFVRFDSDATSPRKEPRAPWIEQEGPEYWDRETQISKTNTQTYRENLRT
ALRYYNQSEAGSHIIQRMYGCDVGPDGRLLRGYDQYAYDGKDYIALNEDLSSWTAADTAAQITQRKWEAARVAEQDRAYL
EGLCVESLRRYLENGKETLQRADPPKTHVTHHPISDHEVTLRCWALGFYPAEITLTWQRDGEDQTQDTELVETRPAGDRT
FQKWAAVVVPSGEEQRYTCHVQHEGLPKPLTLRWEP
;
A
2 'polypeptide(L)'
;IQRTPKIQVYSRHPAENGKSNFLNCYVSGFHPSDIEVDLLKNGERIEKVEHSDLSFSKDWSFYLLYYTEFTPTEKDEYAC
RVNHVTLSQPKIVKWDRDM
;
B
3 'polypeptide(L)' EENLLDFVRF C
#
# COMPACT_ATOMS: atom_id res chain seq x y z
N GLY A 1 13.08 6.15 14.30
CA GLY A 1 14.37 6.53 13.64
C GLY A 1 14.16 7.25 12.31
N SER A 2 14.18 6.47 11.23
CA SER A 2 13.98 6.97 9.87
C SER A 2 12.49 6.99 9.51
N HIS A 3 12.09 8.00 8.72
CA HIS A 3 10.67 8.20 8.37
C HIS A 3 10.50 8.68 6.94
N SER A 4 9.29 8.49 6.43
CA SER A 4 8.91 8.85 5.07
C SER A 4 7.58 9.62 5.03
N MET A 5 7.47 10.54 4.09
CA MET A 5 6.15 11.05 3.72
C MET A 5 5.97 10.87 2.21
N ARG A 6 4.85 10.26 1.81
CA ARG A 6 4.48 10.16 0.38
C ARG A 6 3.08 10.53 0.12
N TYR A 7 2.86 11.18 -1.02
CA TYR A 7 1.56 11.41 -1.59
C TYR A 7 1.45 10.57 -2.86
N PHE A 8 0.30 9.93 -3.01
CA PHE A 8 0.02 9.03 -4.14
C PHE A 8 -1.18 9.56 -4.88
N TYR A 9 -1.00 9.83 -6.18
CA TYR A 9 -2.10 10.25 -7.07
C TYR A 9 -2.48 9.10 -7.97
N THR A 10 -3.78 8.93 -8.21
CA THR A 10 -4.28 8.17 -9.35
C THR A 10 -5.31 9.00 -10.10
N ALA A 11 -5.13 9.09 -11.41
CA ALA A 11 -6.07 9.73 -12.31
C ALA A 11 -6.43 8.68 -13.34
N MET A 12 -7.72 8.34 -13.41
CA MET A 12 -8.20 7.23 -14.21
C MET A 12 -9.37 7.68 -15.09
N SER A 13 -9.18 7.57 -16.41
CA SER A 13 -10.27 7.84 -17.34
C SER A 13 -11.25 6.68 -17.41
N ARG A 14 -12.47 7.00 -17.83
CA ARG A 14 -13.56 6.04 -17.86
C ARG A 14 -14.57 6.53 -18.90
N PRO A 15 -14.18 6.44 -20.19
CA PRO A 15 -15.07 6.93 -21.25
C PRO A 15 -16.51 6.34 -21.17
N GLY A 16 -17.51 7.20 -21.29
CA GLY A 16 -18.90 6.79 -21.18
C GLY A 16 -19.44 6.85 -19.73
N ARG A 17 -18.55 7.15 -18.77
CA ARG A 17 -18.87 7.08 -17.35
C ARG A 17 -18.38 8.29 -16.59
N GLY A 18 -18.41 9.43 -17.27
CA GLY A 18 -18.06 10.71 -16.69
C GLY A 18 -16.62 11.11 -16.94
N GLU A 19 -16.17 12.11 -16.21
CA GLU A 19 -14.85 12.64 -16.38
C GLU A 19 -13.88 11.83 -15.53
N PRO A 20 -12.57 11.91 -15.84
CA PRO A 20 -11.63 11.09 -15.09
C PRO A 20 -11.63 11.35 -13.56
N ARG A 21 -11.59 10.28 -12.79
CA ARG A 21 -11.56 10.38 -11.33
C ARG A 21 -10.13 10.66 -10.88
N PHE A 22 -9.95 11.67 -10.04
CA PHE A 22 -8.67 11.98 -9.42
C PHE A 22 -8.71 11.71 -7.90
N ILE A 23 -7.81 10.83 -7.43
CA ILE A 23 -7.64 10.53 -6.03
C ILE A 23 -6.20 10.85 -5.59
N THR A 24 -6.08 11.46 -4.40
CA THR A 24 -4.82 11.60 -3.69
C THR A 24 -4.96 10.98 -2.29
N VAL A 25 -3.98 10.16 -1.90
CA VAL A 25 -3.79 9.73 -0.51
C VAL A 25 -2.36 10.14 -0.04
N GLY A 26 -2.26 10.54 1.22
CA GLY A 26 -1.00 10.90 1.88
C GLY A 26 -0.72 9.95 3.02
N TYR A 27 0.54 9.52 3.10
CA TYR A 27 1.02 8.62 4.13
C TYR A 27 2.21 9.23 4.85
N VAL A 28 2.31 8.95 6.14
CA VAL A 28 3.56 9.02 6.87
C VAL A 28 3.86 7.59 7.28
N ASP A 29 5.01 7.09 6.85
CA ASP A 29 5.36 5.68 7.01
C ASP A 29 4.19 4.84 6.48
N ASP A 30 3.69 3.90 7.29
CA ASP A 30 2.55 3.03 6.90
C ASP A 30 1.22 3.52 7.44
N THR A 31 1.12 4.82 7.69
CA THR A 31 -0.08 5.45 8.23
C THR A 31 -0.67 6.43 7.20
N LEU A 32 -1.88 6.14 6.75
CA LEU A 32 -2.67 7.03 5.92
C LEU A 32 -3.16 8.20 6.77
N PHE A 33 -3.00 9.43 6.30
CA PHE A 33 -3.38 10.59 7.11
C PHE A 33 -4.26 11.61 6.42
N VAL A 34 -4.38 11.50 5.11
CA VAL A 34 -5.20 12.43 4.35
C VAL A 34 -5.62 11.78 3.04
N ARG A 35 -6.83 12.14 2.58
CA ARG A 35 -7.36 11.68 1.30
C ARG A 35 -8.19 12.74 0.58
N PHE A 36 -8.13 12.71 -0.74
CA PHE A 36 -8.97 13.50 -1.64
C PHE A 36 -9.56 12.56 -2.71
N ASP A 37 -10.84 12.74 -3.02
CA ASP A 37 -11.49 11.97 -4.08
C ASP A 37 -12.45 12.85 -4.87
N SER A 38 -12.17 13.01 -6.17
CA SER A 38 -12.91 13.95 -7.00
C SER A 38 -14.36 13.51 -7.16
N ASP A 39 -14.64 12.23 -6.93
CA ASP A 39 -16.01 11.70 -6.93
C ASP A 39 -16.84 11.96 -5.67
N ALA A 40 -16.22 12.50 -4.62
CA ALA A 40 -16.96 12.81 -3.39
C ALA A 40 -18.03 13.87 -3.64
N THR A 41 -19.09 13.82 -2.84
CA THR A 41 -20.18 14.79 -2.97
C THR A 41 -19.66 16.21 -2.79
N SER A 42 -18.86 16.40 -1.75
CA SER A 42 -18.14 17.65 -1.55
C SER A 42 -16.66 17.34 -1.58
N PRO A 43 -16.04 17.32 -2.80
CA PRO A 43 -14.63 16.94 -2.86
C PRO A 43 -13.72 17.84 -2.02
N ARG A 44 -13.06 17.27 -1.03
N ARG A 44 -13.05 17.24 -1.05
CA ARG A 44 -12.02 18.02 -0.33
CA ARG A 44 -12.13 17.97 -0.17
C ARG A 44 -11.06 17.09 0.37
C ARG A 44 -11.04 17.05 0.36
N LYS A 45 -9.90 17.63 0.73
CA LYS A 45 -8.91 16.90 1.50
C LYS A 45 -9.55 16.57 2.85
N GLU A 46 -9.55 15.29 3.24
CA GLU A 46 -10.14 14.88 4.50
C GLU A 46 -9.07 14.26 5.38
N PRO A 47 -9.11 14.56 6.69
CA PRO A 47 -8.20 13.94 7.65
C PRO A 47 -8.50 12.48 7.85
N ARG A 48 -7.46 11.67 7.98
CA ARG A 48 -7.62 10.24 8.17
C ARG A 48 -6.80 9.71 9.33
N ALA A 49 -6.16 10.62 10.06
CA ALA A 49 -5.52 10.26 11.32
C ALA A 49 -5.78 11.38 12.34
N PRO A 50 -5.84 11.03 13.64
CA PRO A 50 -6.21 12.05 14.62
C PRO A 50 -5.28 13.27 14.63
N TRP A 51 -3.98 13.03 14.54
CA TRP A 51 -2.97 14.08 14.66
C TRP A 51 -2.96 15.15 13.56
N ILE A 52 -3.56 14.86 12.41
CA ILE A 52 -3.65 15.85 11.32
C ILE A 52 -4.85 16.80 11.50
N GLU A 53 -5.83 16.39 12.28
CA GLU A 53 -7.05 17.21 12.51
C GLU A 53 -6.79 18.58 13.13
N GLN A 54 -5.71 18.71 13.91
CA GLN A 54 -5.33 19.97 14.54
C GLN A 54 -4.63 20.97 13.61
N GLU A 55 -4.50 20.63 12.32
CA GLU A 55 -4.08 21.63 11.35
C GLU A 55 -5.27 22.57 11.17
N GLY A 56 -4.99 23.85 10.98
CA GLY A 56 -6.04 24.87 10.95
C GLY A 56 -6.80 24.91 9.64
N PRO A 57 -7.86 25.75 9.58
CA PRO A 57 -8.69 25.88 8.37
C PRO A 57 -7.91 26.25 7.10
N GLU A 58 -6.95 27.17 7.22
CA GLU A 58 -6.12 27.58 6.09
C GLU A 58 -5.39 26.40 5.43
N TYR A 59 -4.85 25.50 6.25
CA TYR A 59 -4.23 24.26 5.82
C TYR A 59 -5.17 23.46 4.91
N TRP A 60 -6.35 23.18 5.42
CA TRP A 60 -7.35 22.34 4.77
C TRP A 60 -7.90 22.93 3.48
N ASP A 61 -7.99 24.26 3.44
CA ASP A 61 -8.42 24.97 2.23
C ASP A 61 -7.31 25.06 1.17
N ARG A 62 -6.07 25.26 1.61
CA ARG A 62 -4.91 25.25 0.71
CA ARG A 62 -4.96 25.27 0.66
C ARG A 62 -4.74 23.86 0.08
N GLU A 63 -4.81 22.84 0.93
CA GLU A 63 -4.66 21.44 0.51
C GLU A 63 -5.75 21.02 -0.47
N THR A 64 -7.00 21.36 -0.14
CA THR A 64 -8.15 21.06 -0.99
C THR A 64 -8.02 21.74 -2.35
N GLN A 65 -7.59 23.00 -2.38
CA GLN A 65 -7.39 23.70 -3.66
C GLN A 65 -6.33 23.03 -4.55
N ILE A 66 -5.21 22.61 -3.95
CA ILE A 66 -4.17 21.89 -4.68
C ILE A 66 -4.80 20.69 -5.42
N SER A 67 -5.54 19.87 -4.69
CA SER A 67 -6.19 18.70 -5.28
C SER A 67 -7.31 19.00 -6.29
N LYS A 68 -8.10 20.04 -6.04
CA LYS A 68 -9.12 20.47 -7.01
C LYS A 68 -8.49 20.94 -8.33
N THR A 69 -7.41 21.72 -8.23
CA THR A 69 -6.62 22.11 -9.38
C THR A 69 -5.98 20.90 -10.09
N ASN A 70 -5.42 19.96 -9.31
CA ASN A 70 -4.86 18.72 -9.86
C ASN A 70 -5.89 17.82 -10.56
N THR A 71 -7.13 17.79 -10.10
CA THR A 71 -8.19 17.05 -10.82
C THR A 71 -8.29 17.53 -12.29
N GLN A 72 -8.28 18.84 -12.48
CA GLN A 72 -8.34 19.45 -13.82
C GLN A 72 -7.03 19.25 -14.60
N THR A 73 -5.90 19.49 -13.95
CA THR A 73 -4.59 19.27 -14.58
C THR A 73 -4.40 17.83 -15.08
N TYR A 74 -4.78 16.85 -14.26
CA TYR A 74 -4.58 15.44 -14.60
C TYR A 74 -5.53 14.89 -15.66
N ARG A 75 -6.72 15.48 -15.75
CA ARG A 75 -7.64 15.26 -16.87
C ARG A 75 -7.01 15.72 -18.19
N GLU A 76 -6.37 16.88 -18.16
CA GLU A 76 -5.60 17.39 -19.29
C GLU A 76 -4.40 16.48 -19.58
N ASN A 77 -3.71 16.04 -18.52
CA ASN A 77 -2.57 15.12 -18.70
C ASN A 77 -2.99 13.82 -19.41
N LEU A 78 -4.17 13.30 -19.07
CA LEU A 78 -4.68 12.08 -19.68
C LEU A 78 -4.97 12.29 -21.17
N ARG A 79 -5.61 13.39 -21.51
CA ARG A 79 -5.82 13.82 -22.90
C ARG A 79 -4.50 13.92 -23.67
N THR A 80 -3.51 14.53 -23.04
CA THR A 80 -2.19 14.67 -23.63
C THR A 80 -1.52 13.33 -23.86
N ALA A 81 -1.62 12.42 -22.89
CA ALA A 81 -1.03 11.07 -23.05
C ALA A 81 -1.64 10.27 -24.20
N LEU A 82 -2.93 10.43 -24.46
CA LEU A 82 -3.55 9.78 -25.62
C LEU A 82 -2.87 10.21 -26.91
N ARG A 83 -2.63 11.49 -27.05
N ARG A 83 -2.63 11.49 -27.05
CA ARG A 83 -1.93 12.01 -28.21
CA ARG A 83 -1.93 12.00 -28.22
C ARG A 83 -0.51 11.44 -28.31
C ARG A 83 -0.49 11.51 -28.33
N TYR A 84 0.23 11.47 -27.21
CA TYR A 84 1.63 11.01 -27.20
C TYR A 84 1.80 9.55 -27.60
N TYR A 85 0.79 8.73 -27.28
CA TYR A 85 0.83 7.33 -27.60
C TYR A 85 -0.14 6.95 -28.74
N ASN A 86 -0.70 7.93 -29.44
CA ASN A 86 -1.56 7.63 -30.60
C ASN A 86 -2.73 6.71 -30.21
N GLN A 87 -3.33 6.99 -29.05
CA GLN A 87 -4.39 6.12 -28.52
C GLN A 87 -5.76 6.73 -28.75
N SER A 88 -6.78 5.90 -28.90
CA SER A 88 -8.15 6.39 -29.13
C SER A 88 -8.76 6.82 -27.82
N GLU A 89 -9.83 7.60 -27.93
CA GLU A 89 -10.52 8.17 -26.79
C GLU A 89 -11.50 7.19 -26.13
N ALA A 90 -11.49 5.92 -26.55
CA ALA A 90 -12.48 4.94 -26.12
C ALA A 90 -11.99 4.05 -24.97
N GLY A 91 -10.70 4.08 -24.69
CA GLY A 91 -10.10 3.22 -23.68
C GLY A 91 -9.95 3.96 -22.37
N SER A 92 -9.86 3.18 -21.30
CA SER A 92 -9.62 3.70 -19.97
C SER A 92 -8.11 3.65 -19.73
N HIS A 93 -7.57 4.73 -19.20
CA HIS A 93 -6.14 4.82 -18.89
C HIS A 93 -5.93 5.46 -17.55
N ILE A 94 -4.73 5.27 -17.01
CA ILE A 94 -4.42 5.69 -15.66
C ILE A 94 -3.06 6.37 -15.62
N ILE A 95 -3.01 7.56 -15.01
CA ILE A 95 -1.76 8.20 -14.63
C ILE A 95 -1.64 8.07 -13.11
N GLN A 96 -0.46 7.60 -12.67
CA GLN A 96 -0.12 7.54 -11.27
C GLN A 96 1.07 8.42 -10.96
N ARG A 97 1.07 9.01 -9.76
CA ARG A 97 2.22 9.73 -9.24
C ARG A 97 2.49 9.35 -7.79
N MET A 98 3.76 9.18 -7.44
CA MET A 98 4.18 9.11 -6.04
CA MET A 98 4.16 9.13 -6.04
C MET A 98 5.37 10.03 -5.80
N TYR A 99 5.26 10.88 -4.79
CA TYR A 99 6.32 11.83 -4.45
C TYR A 99 6.37 12.05 -2.96
N GLY A 100 7.53 12.52 -2.52
CA GLY A 100 7.77 12.78 -1.11
C GLY A 100 9.24 12.66 -0.75
N CYS A 101 9.48 12.58 0.56
CA CYS A 101 10.80 12.61 1.14
C CYS A 101 10.98 11.52 2.21
N ASP A 102 12.22 11.03 2.33
CA ASP A 102 12.67 10.20 3.45
C ASP A 102 13.58 11.05 4.33
N VAL A 103 13.41 10.93 5.64
CA VAL A 103 14.24 11.67 6.59
C VAL A 103 14.85 10.71 7.61
N GLY A 104 16.00 11.09 8.13
CA GLY A 104 16.71 10.25 9.09
C GLY A 104 16.32 10.66 10.49
N PRO A 105 16.87 9.95 11.51
CA PRO A 105 16.60 10.23 12.92
C PRO A 105 16.73 11.72 13.33
N ASP A 106 17.66 12.45 12.73
CA ASP A 106 17.79 13.88 13.01
C ASP A 106 16.81 14.78 12.23
N GLY A 107 15.96 14.18 11.41
CA GLY A 107 14.95 14.94 10.67
C GLY A 107 15.49 15.55 9.39
N ARG A 108 16.68 15.13 8.96
CA ARG A 108 17.32 15.64 7.76
CA ARG A 108 17.30 15.66 7.75
C ARG A 108 16.95 14.80 6.53
N LEU A 109 16.76 15.45 5.38
CA LEU A 109 16.50 14.75 4.11
C LEU A 109 17.52 13.67 3.77
N LEU A 110 17.05 12.43 3.67
CA LEU A 110 17.85 11.32 3.16
C LEU A 110 17.74 11.30 1.63
N ARG A 111 16.50 11.33 1.14
CA ARG A 111 16.25 11.47 -0.29
C ARG A 111 14.80 11.88 -0.64
N GLY A 112 14.68 12.51 -1.80
CA GLY A 112 13.39 12.96 -2.33
C GLY A 112 12.98 12.10 -3.54
N TYR A 113 11.70 12.10 -3.85
CA TYR A 113 11.13 11.27 -4.93
C TYR A 113 10.06 12.07 -5.64
N ASP A 114 9.97 11.86 -6.94
CA ASP A 114 8.85 12.34 -7.72
C ASP A 114 8.76 11.51 -9.00
N GLN A 115 7.93 10.48 -8.94
CA GLN A 115 7.82 9.43 -9.92
C GLN A 115 6.44 9.44 -10.53
N TYR A 116 6.36 9.20 -11.84
CA TYR A 116 5.09 9.09 -12.57
C TYR A 116 5.03 7.82 -13.40
N ALA A 117 3.82 7.32 -13.59
CA ALA A 117 3.57 6.13 -14.38
C ALA A 117 2.37 6.41 -15.29
N TYR A 118 2.34 5.74 -16.43
CA TYR A 118 1.18 5.77 -17.34
C TYR A 118 0.88 4.36 -17.65
N ASP A 119 -0.38 3.98 -17.42
CA ASP A 119 -0.82 2.60 -17.56
C ASP A 119 0.06 1.57 -16.86
N GLY A 120 0.50 1.91 -15.65
CA GLY A 120 1.27 0.97 -14.83
C GLY A 120 2.75 0.82 -15.21
N LYS A 121 3.23 1.64 -16.14
CA LYS A 121 4.59 1.62 -16.65
C LYS A 121 5.23 2.95 -16.27
N ASP A 122 6.50 2.91 -15.89
CA ASP A 122 7.25 4.14 -15.62
C ASP A 122 7.14 5.12 -16.78
N TYR A 123 6.95 6.39 -16.47
CA TYR A 123 6.79 7.40 -17.48
C TYR A 123 7.96 8.40 -17.37
N ILE A 124 8.00 9.14 -16.27
CA ILE A 124 9.11 10.07 -15.98
C ILE A 124 9.32 10.07 -14.45
N ALA A 125 10.58 10.21 -14.01
CA ALA A 125 10.91 10.33 -12.59
C ALA A 125 12.07 11.33 -12.37
N LEU A 126 11.95 12.11 -11.30
CA LEU A 126 13.04 12.92 -10.80
C LEU A 126 14.15 11.99 -10.28
N ASN A 127 15.37 12.23 -10.74
CA ASN A 127 16.53 11.48 -10.28
C ASN A 127 16.89 11.89 -8.84
N GLU A 128 17.65 11.04 -8.16
CA GLU A 128 18.05 11.26 -6.75
C GLU A 128 18.78 12.56 -6.53
N ASP A 129 19.44 13.06 -7.59
CA ASP A 129 20.08 14.38 -7.55
C ASP A 129 19.14 15.56 -7.44
N LEU A 130 17.84 15.33 -7.61
CA LEU A 130 16.81 16.38 -7.57
C LEU A 130 17.02 17.49 -8.59
N SER A 131 17.70 17.17 -9.68
CA SER A 131 17.99 18.18 -10.67
C SER A 131 17.84 17.67 -12.11
N SER A 132 17.79 16.37 -12.32
CA SER A 132 17.61 15.80 -13.64
C SER A 132 16.48 14.74 -13.67
N TRP A 133 15.99 14.43 -14.87
CA TRP A 133 14.86 13.48 -15.07
C TRP A 133 15.28 12.25 -15.82
N THR A 134 14.64 11.13 -15.48
CA THR A 134 14.70 9.93 -16.31
C THR A 134 13.31 9.70 -16.94
N ALA A 135 13.27 9.76 -18.27
CA ALA A 135 12.10 9.47 -19.10
C ALA A 135 12.18 8.07 -19.66
N ALA A 136 11.08 7.33 -19.60
CA ALA A 136 11.09 5.95 -20.00
C ALA A 136 11.00 5.74 -21.51
N ASP A 137 10.55 6.74 -22.26
CA ASP A 137 10.31 6.58 -23.70
C ASP A 137 10.28 7.94 -24.38
N THR A 138 10.06 7.93 -25.69
CA THR A 138 10.05 9.16 -26.46
C THR A 138 8.88 10.11 -26.18
N ALA A 139 7.77 9.59 -25.65
CA ALA A 139 6.65 10.46 -25.22
C ALA A 139 7.05 11.19 -23.93
N ALA A 140 7.58 10.44 -22.97
CA ALA A 140 8.04 11.05 -21.72
C ALA A 140 9.19 12.05 -21.96
N GLN A 141 9.99 11.84 -23.01
CA GLN A 141 11.01 12.85 -23.41
C GLN A 141 10.39 14.18 -23.81
N ILE A 142 9.19 14.15 -24.38
CA ILE A 142 8.46 15.39 -24.67
C ILE A 142 8.13 16.11 -23.37
N THR A 143 7.61 15.40 -22.37
CA THR A 143 7.36 16.02 -21.06
C THR A 143 8.66 16.51 -20.41
N GLN A 144 9.72 15.71 -20.49
CA GLN A 144 11.02 16.10 -19.92
C GLN A 144 11.51 17.45 -20.46
N ARG A 145 11.44 17.61 -21.78
CA ARG A 145 11.83 18.86 -22.42
C ARG A 145 11.01 20.04 -21.93
N LYS A 146 9.70 19.84 -21.77
CA LYS A 146 8.82 20.87 -21.19
C LYS A 146 9.21 21.25 -19.76
N TRP A 147 9.52 20.25 -18.96
CA TRP A 147 9.83 20.45 -17.53
C TRP A 147 11.26 20.98 -17.33
N GLU A 148 12.19 20.58 -18.20
CA GLU A 148 13.51 21.21 -18.24
C GLU A 148 13.37 22.69 -18.56
N ALA A 149 12.61 23.03 -19.59
CA ALA A 149 12.39 24.44 -19.97
C ALA A 149 11.81 25.28 -18.85
N ALA A 150 10.93 24.69 -18.04
CA ALA A 150 10.24 25.44 -16.99
C ALA A 150 10.92 25.30 -15.61
N ARG A 151 12.07 24.64 -15.59
CA ARG A 151 12.83 24.45 -14.35
C ARG A 151 11.94 23.84 -13.24
N VAL A 152 11.25 22.75 -13.59
CA VAL A 152 10.38 22.04 -12.65
C VAL A 152 11.22 21.34 -11.59
N ALA A 153 12.38 20.81 -11.99
CA ALA A 153 13.23 20.10 -11.05
C ALA A 153 13.68 21.01 -9.89
N GLU A 154 14.01 22.27 -10.18
CA GLU A 154 14.41 23.25 -9.15
C GLU A 154 13.28 23.51 -8.12
N GLN A 155 12.04 23.57 -8.60
CA GLN A 155 10.90 23.77 -7.73
C GLN A 155 10.67 22.51 -6.87
N ASP A 156 10.77 21.35 -7.50
CA ASP A 156 10.69 20.06 -6.79
C ASP A 156 11.73 20.00 -5.68
N ARG A 157 12.98 20.26 -6.03
CA ARG A 157 14.07 20.27 -5.07
C ARG A 157 13.77 21.19 -3.88
N ALA A 158 13.33 22.42 -4.15
CA ALA A 158 12.97 23.34 -3.09
C ALA A 158 11.87 22.77 -2.17
N TYR A 159 10.80 22.22 -2.75
CA TYR A 159 9.77 21.56 -1.96
C TYR A 159 10.35 20.42 -1.14
N LEU A 160 11.07 19.51 -1.79
CA LEU A 160 11.56 18.29 -1.14
C LEU A 160 12.57 18.57 -0.02
N GLU A 161 13.39 19.60 -0.21
CA GLU A 161 14.38 20.03 0.80
C GLU A 161 13.80 20.94 1.90
N GLY A 162 12.69 21.60 1.61
CA GLY A 162 12.04 22.53 2.52
C GLY A 162 10.72 22.01 3.08
N LEU A 163 9.61 22.47 2.53
CA LEU A 163 8.26 22.11 2.99
C LEU A 163 8.01 20.59 3.26
N CYS A 164 8.55 19.70 2.43
CA CYS A 164 8.31 18.27 2.62
C CYS A 164 8.88 17.78 3.96
N VAL A 165 10.14 18.09 4.19
CA VAL A 165 10.81 17.71 5.43
C VAL A 165 10.26 18.49 6.65
N GLU A 166 9.94 19.77 6.48
CA GLU A 166 9.42 20.60 7.58
C GLU A 166 8.04 20.12 8.06
N SER A 167 7.15 19.81 7.12
CA SER A 167 5.83 19.31 7.45
C SER A 167 5.91 17.91 8.02
N LEU A 168 6.77 17.02 7.49
CA LEU A 168 6.93 15.69 8.05
C LEU A 168 7.40 15.74 9.53
N ARG A 169 8.40 16.58 9.80
N ARG A 169 8.38 16.60 9.82
CA ARG A 169 8.85 16.85 11.18
CA ARG A 169 8.85 16.81 11.19
C ARG A 169 7.68 17.19 12.08
C ARG A 169 7.70 17.22 12.11
N ARG A 170 6.85 18.13 11.63
CA ARG A 170 5.68 18.55 12.42
C ARG A 170 4.68 17.41 12.64
N TYR A 171 4.40 16.64 11.59
CA TYR A 171 3.47 15.51 11.71
C TYR A 171 4.01 14.46 12.68
N LEU A 172 5.31 14.19 12.61
CA LEU A 172 5.94 13.21 13.49
C LEU A 172 5.85 13.59 14.98
N GLU A 173 5.92 14.89 15.25
CA GLU A 173 5.76 15.45 16.60
C GLU A 173 4.31 15.39 17.06
N ASN A 174 3.40 15.96 16.27
CA ASN A 174 1.96 15.85 16.55
C ASN A 174 1.48 14.40 16.69
N GLY A 175 2.03 13.48 15.90
CA GLY A 175 1.61 12.08 15.95
C GLY A 175 2.58 11.18 16.68
N LYS A 176 3.38 11.75 17.58
CA LYS A 176 4.49 11.00 18.13
C LYS A 176 4.04 9.75 18.88
N GLU A 177 2.85 9.79 19.51
CA GLU A 177 2.32 8.64 20.25
CA GLU A 177 2.34 8.63 20.26
C GLU A 177 2.15 7.40 19.38
N THR A 178 1.86 7.59 18.09
CA THR A 178 1.61 6.48 17.16
C THR A 178 2.70 6.34 16.10
N LEU A 179 2.99 7.45 15.40
CA LEU A 179 4.00 7.44 14.32
C LEU A 179 5.41 7.11 14.80
N GLN A 180 5.73 7.47 16.05
CA GLN A 180 7.03 7.17 16.61
C GLN A 180 6.97 6.02 17.63
N ARG A 181 5.90 5.22 17.55
CA ARG A 181 5.81 4.01 18.35
C ARG A 181 5.88 2.78 17.47
N ALA A 182 6.92 1.97 17.65
CA ALA A 182 7.02 0.67 16.96
C ALA A 182 6.38 -0.43 17.80
N ASP A 183 5.44 -1.18 17.21
CA ASP A 183 4.78 -2.30 17.87
C ASP A 183 5.42 -3.60 17.46
N PRO A 184 6.00 -4.33 18.45
CA PRO A 184 6.73 -5.52 18.07
C PRO A 184 5.77 -6.61 17.61
N PRO A 185 6.25 -7.57 16.83
CA PRO A 185 5.38 -8.69 16.48
C PRO A 185 5.14 -9.61 17.67
N LYS A 186 3.92 -10.14 17.75
CA LYS A 186 3.57 -11.26 18.64
C LYS A 186 3.75 -12.48 17.78
N THR A 187 4.55 -13.44 18.25
CA THR A 187 5.09 -14.47 17.39
C THR A 187 4.93 -15.88 17.94
N HIS A 188 4.43 -16.80 17.11
CA HIS A 188 4.37 -18.22 17.47
C HIS A 188 4.65 -19.14 16.27
N VAL A 189 4.93 -20.41 16.56
CA VAL A 189 5.13 -21.42 15.54
C VAL A 189 3.99 -22.43 15.67
N THR A 190 3.31 -22.73 14.55
CA THR A 190 2.29 -23.79 14.52
C THR A 190 2.75 -25.00 13.70
N HIS A 191 2.10 -26.13 13.94
CA HIS A 191 2.51 -27.44 13.45
C HIS A 191 1.34 -28.03 12.65
N HIS A 192 1.57 -28.34 11.38
CA HIS A 192 0.51 -28.93 10.54
C HIS A 192 1.06 -30.13 9.75
N PRO A 193 0.81 -31.34 10.25
CA PRO A 193 1.26 -32.53 9.51
C PRO A 193 0.64 -32.60 8.13
N ILE A 194 1.50 -32.73 7.11
CA ILE A 194 1.05 -32.91 5.74
C ILE A 194 0.70 -34.38 5.56
N SER A 195 1.68 -35.23 5.87
CA SER A 195 1.58 -36.67 5.72
C SER A 195 2.25 -37.33 6.93
N ASP A 196 2.53 -38.62 6.80
CA ASP A 196 3.14 -39.37 7.89
C ASP A 196 4.57 -38.90 8.17
N HIS A 197 5.31 -38.54 7.14
CA HIS A 197 6.71 -38.20 7.30
C HIS A 197 7.13 -36.77 6.88
N GLU A 198 6.16 -35.87 6.71
CA GLU A 198 6.44 -34.43 6.60
C GLU A 198 5.39 -33.60 7.32
N VAL A 199 5.80 -32.45 7.85
CA VAL A 199 4.91 -31.51 8.51
C VAL A 199 5.26 -30.09 8.08
N THR A 200 4.30 -29.19 8.18
CA THR A 200 4.52 -27.76 7.94
C THR A 200 4.72 -27.08 9.28
N LEU A 201 5.80 -26.31 9.40
CA LEU A 201 6.02 -25.44 10.54
C LEU A 201 5.75 -24.04 10.03
N ARG A 202 4.77 -23.36 10.61
CA ARG A 202 4.43 -22.02 10.19
C ARG A 202 4.81 -21.07 11.32
N CYS A 203 5.63 -20.08 10.99
CA CYS A 203 6.04 -19.07 11.95
C CYS A 203 5.27 -17.79 11.69
N TRP A 204 4.61 -17.30 12.73
CA TRP A 204 3.65 -16.22 12.64
C TRP A 204 4.16 -14.97 13.33
N ALA A 205 3.94 -13.81 12.71
CA ALA A 205 4.18 -12.52 13.31
C ALA A 205 2.89 -11.73 13.15
N LEU A 206 2.31 -11.33 14.28
CA LEU A 206 1.02 -10.60 14.31
C LEU A 206 1.16 -9.31 15.11
N GLY A 207 0.33 -8.33 14.75
CA GLY A 207 0.18 -7.10 15.51
C GLY A 207 1.32 -6.10 15.44
N PHE A 208 2.13 -6.16 14.40
CA PHE A 208 3.32 -5.30 14.34
C PHE A 208 3.12 -4.03 13.49
N TYR A 209 3.91 -3.01 13.85
CA TYR A 209 3.95 -1.76 13.10
C TYR A 209 5.32 -1.18 13.35
N PRO A 210 5.98 -0.64 12.29
CA PRO A 210 5.55 -0.54 10.88
C PRO A 210 5.62 -1.88 10.14
N ALA A 211 5.26 -1.89 8.85
CA ALA A 211 5.12 -3.17 8.10
C ALA A 211 6.45 -3.91 7.91
N GLU A 212 7.53 -3.15 7.83
CA GLU A 212 8.85 -3.76 7.61
C GLU A 212 9.18 -4.84 8.65
N ILE A 213 9.52 -6.02 8.17
CA ILE A 213 9.85 -7.14 9.03
C ILE A 213 10.67 -8.16 8.24
N THR A 214 11.44 -8.96 8.96
CA THR A 214 12.17 -10.10 8.39
C THR A 214 11.79 -11.39 9.12
N LEU A 215 11.26 -12.37 8.38
CA LEU A 215 10.97 -13.71 8.90
C LEU A 215 11.77 -14.69 8.10
N THR A 216 12.59 -15.50 8.76
CA THR A 216 13.44 -16.49 8.05
C THR A 216 13.48 -17.78 8.83
N TRP A 217 13.41 -18.92 8.13
CA TRP A 217 13.66 -20.23 8.75
C TRP A 217 15.10 -20.65 8.46
N GLN A 218 15.74 -21.24 9.47
CA GLN A 218 17.04 -21.87 9.30
C GLN A 218 16.98 -23.35 9.66
N ARG A 219 17.65 -24.19 8.86
CA ARG A 219 17.86 -25.62 9.20
C ARG A 219 19.33 -25.79 9.58
N ASP A 220 19.59 -26.21 10.81
CA ASP A 220 20.94 -26.30 11.34
C ASP A 220 21.73 -25.01 11.11
N GLY A 221 21.09 -23.88 11.42
CA GLY A 221 21.71 -22.56 11.28
C GLY A 221 21.88 -22.06 9.84
N GLU A 222 21.32 -22.79 8.88
CA GLU A 222 21.46 -22.48 7.45
C GLU A 222 20.13 -22.00 6.88
N ASP A 223 20.12 -20.80 6.31
CA ASP A 223 18.92 -20.22 5.71
C ASP A 223 18.29 -21.17 4.66
N GLN A 224 16.97 -21.26 4.69
CA GLN A 224 16.20 -22.13 3.79
C GLN A 224 15.42 -21.28 2.80
N THR A 225 16.11 -20.34 2.16
CA THR A 225 15.48 -19.28 1.37
C THR A 225 14.72 -19.77 0.15
N GLN A 226 15.27 -20.77 -0.53
CA GLN A 226 14.60 -21.39 -1.68
C GLN A 226 13.37 -22.17 -1.25
N ASP A 227 13.39 -22.70 -0.02
CA ASP A 227 12.35 -23.63 0.42
C ASP A 227 11.36 -23.07 1.46
N THR A 228 11.41 -21.76 1.72
CA THR A 228 10.49 -21.12 2.64
C THR A 228 9.32 -20.52 1.84
N GLU A 229 8.10 -20.91 2.16
CA GLU A 229 6.93 -20.21 1.64
C GLU A 229 6.65 -19.01 2.55
N LEU A 230 6.55 -17.85 1.93
CA LEU A 230 6.48 -16.58 2.61
C LEU A 230 5.28 -15.81 2.04
N VAL A 231 4.25 -15.53 2.85
CA VAL A 231 3.15 -14.67 2.34
C VAL A 231 3.53 -13.19 2.39
N GLU A 232 2.90 -12.41 1.51
CA GLU A 232 3.00 -10.96 1.54
C GLU A 232 2.52 -10.42 2.88
N THR A 233 3.25 -9.45 3.41
CA THR A 233 2.81 -8.75 4.61
C THR A 233 1.44 -8.13 4.33
N ARG A 234 0.52 -8.30 5.27
CA ARG A 234 -0.88 -7.93 5.07
C ARG A 234 -1.38 -7.11 6.23
N PRO A 235 -2.24 -6.11 5.95
CA PRO A 235 -2.82 -5.31 7.03
C PRO A 235 -3.88 -6.06 7.86
N ALA A 236 -3.81 -5.92 9.19
CA ALA A 236 -4.79 -6.52 10.10
C ALA A 236 -6.10 -5.72 10.18
N GLY A 237 -6.02 -4.41 9.90
CA GLY A 237 -7.15 -3.48 9.95
C GLY A 237 -7.13 -2.50 11.13
N ASP A 238 -6.20 -2.70 12.06
CA ASP A 238 -6.09 -1.90 13.30
C ASP A 238 -4.82 -1.03 13.31
N ARG A 239 -4.27 -0.77 12.12
CA ARG A 239 -2.97 -0.14 11.87
C ARG A 239 -1.85 -1.15 11.78
N THR A 240 -2.05 -2.35 12.33
CA THR A 240 -0.99 -3.33 12.39
C THR A 240 -0.95 -4.29 11.20
N PHE A 241 0.13 -5.04 11.12
CA PHE A 241 0.40 -5.94 10.02
C PHE A 241 0.65 -7.36 10.52
N GLN A 242 0.52 -8.29 9.59
CA GLN A 242 0.72 -9.71 9.85
C GLN A 242 1.58 -10.26 8.74
N LYS A 243 2.33 -11.31 9.08
CA LYS A 243 3.09 -12.06 8.10
C LYS A 243 3.36 -13.45 8.67
N TRP A 244 3.52 -14.43 7.78
CA TRP A 244 4.04 -15.72 8.17
C TRP A 244 5.02 -16.29 7.17
N ALA A 245 5.81 -17.24 7.65
CA ALA A 245 6.76 -18.00 6.84
C ALA A 245 6.61 -19.45 7.22
N ALA A 246 6.61 -20.34 6.24
CA ALA A 246 6.39 -21.76 6.49
C ALA A 246 7.49 -22.57 5.81
N VAL A 247 7.91 -23.65 6.48
CA VAL A 247 8.77 -24.68 5.90
C VAL A 247 8.12 -26.06 6.06
N VAL A 248 8.32 -26.93 5.08
CA VAL A 248 7.89 -28.32 5.14
C VAL A 248 9.09 -29.15 5.56
N VAL A 249 9.01 -29.77 6.73
CA VAL A 249 10.12 -30.49 7.30
C VAL A 249 9.79 -31.97 7.54
N PRO A 250 10.82 -32.84 7.53
CA PRO A 250 10.55 -34.25 7.78
C PRO A 250 10.13 -34.41 9.24
N SER A 251 9.11 -35.23 9.49
CA SER A 251 8.62 -35.45 10.86
C SER A 251 9.73 -36.06 11.71
N GLY A 252 9.82 -35.63 12.97
CA GLY A 252 10.93 -36.00 13.83
C GLY A 252 12.11 -35.02 13.82
N GLU A 253 12.31 -34.35 12.69
CA GLU A 253 13.40 -33.37 12.54
C GLU A 253 12.95 -31.90 12.77
N GLU A 254 11.88 -31.69 13.53
CA GLU A 254 11.34 -30.33 13.77
C GLU A 254 12.30 -29.42 14.52
N GLN A 255 13.07 -29.98 15.45
CA GLN A 255 13.90 -29.14 16.33
C GLN A 255 15.21 -28.73 15.66
N ARG A 256 15.45 -29.25 14.45
CA ARG A 256 16.55 -28.77 13.62
C ARG A 256 16.25 -27.39 12.97
N TYR A 257 15.01 -26.93 13.09
CA TYR A 257 14.55 -25.70 12.46
C TYR A 257 14.23 -24.58 13.47
N THR A 258 14.78 -23.40 13.20
CA THR A 258 14.49 -22.21 13.98
C THR A 258 13.93 -21.11 13.09
N CYS A 259 12.93 -20.39 13.60
CA CYS A 259 12.38 -19.17 12.94
C CYS A 259 13.03 -17.92 13.50
N HIS A 260 13.55 -17.06 12.63
CA HIS A 260 14.22 -15.83 13.07
C HIS A 260 13.49 -14.52 12.66
N VAL A 261 13.16 -13.72 13.67
CA VAL A 261 12.33 -12.53 13.49
C VAL A 261 13.06 -11.22 13.80
N GLN A 262 13.23 -10.39 12.78
CA GLN A 262 13.75 -9.03 12.96
C GLN A 262 12.65 -8.00 12.74
N HIS A 263 12.54 -7.05 13.66
CA HIS A 263 11.59 -5.96 13.57
C HIS A 263 12.07 -4.84 14.46
N GLU A 264 11.93 -3.59 14.01
CA GLU A 264 12.49 -2.45 14.73
C GLU A 264 11.91 -2.29 16.15
N GLY A 265 10.74 -2.85 16.38
CA GLY A 265 10.18 -2.99 17.73
C GLY A 265 10.84 -4.02 18.64
N LEU A 266 11.72 -4.88 18.10
CA LEU A 266 12.56 -5.83 18.89
C LEU A 266 13.87 -5.07 19.23
N PRO A 267 14.45 -5.19 20.45
CA PRO A 267 15.53 -5.92 21.15
C PRO A 267 16.94 -6.20 20.53
N LYS A 268 17.56 -7.38 20.55
CA LYS A 268 17.30 -8.61 19.75
C LYS A 268 16.02 -8.73 18.92
N PRO A 269 16.14 -9.29 17.70
CA PRO A 269 16.41 -10.55 17.04
C PRO A 269 16.01 -11.79 17.83
N LEU A 270 14.78 -12.21 17.53
CA LEU A 270 14.13 -13.36 18.14
C LEU A 270 14.43 -14.64 17.37
N THR A 271 14.47 -15.74 18.11
CA THR A 271 14.59 -17.09 17.55
C THR A 271 13.45 -17.90 18.15
N LEU A 272 12.66 -18.57 17.29
CA LEU A 272 11.53 -19.39 17.74
C LEU A 272 11.66 -20.83 17.29
N ARG A 273 11.12 -21.73 18.10
CA ARG A 273 11.01 -23.14 17.75
C ARG A 273 9.58 -23.59 17.95
N TRP A 274 9.20 -24.66 17.26
CA TRP A 274 7.96 -25.37 17.55
C TRP A 274 8.01 -25.85 19.01
N GLU A 275 7.00 -25.50 19.79
CA GLU A 275 6.90 -25.91 21.20
C GLU A 275 5.73 -26.88 21.39
N PRO A 276 6.01 -28.20 21.36
CA PRO A 276 4.94 -29.18 21.58
C PRO A 276 4.35 -29.08 22.99
N ILE B 1 0.05 -3.83 -20.02
CA ILE B 1 0.30 -4.06 -18.57
C ILE B 1 -1.02 -4.31 -17.88
N GLN B 2 -1.34 -5.59 -17.67
CA GLN B 2 -2.40 -5.96 -16.76
C GLN B 2 -1.80 -6.96 -15.77
N ARG B 3 -2.13 -6.81 -14.49
CA ARG B 3 -1.62 -7.68 -13.44
CA ARG B 3 -1.63 -7.69 -13.45
C ARG B 3 -2.77 -8.25 -12.61
N THR B 4 -2.72 -9.54 -12.36
CA THR B 4 -3.80 -10.25 -11.69
C THR B 4 -3.64 -10.09 -10.17
N PRO B 5 -4.76 -9.90 -9.45
CA PRO B 5 -4.63 -9.69 -8.01
C PRO B 5 -4.17 -10.91 -7.22
N LYS B 6 -3.32 -10.68 -6.22
CA LYS B 6 -3.04 -11.66 -5.18
C LYS B 6 -4.19 -11.52 -4.18
N ILE B 7 -4.55 -12.62 -3.51
CA ILE B 7 -5.69 -12.65 -2.59
C ILE B 7 -5.30 -13.38 -1.32
N GLN B 8 -5.55 -12.74 -0.18
CA GLN B 8 -5.43 -13.40 1.10
C GLN B 8 -6.72 -13.13 1.87
N VAL B 9 -7.28 -14.19 2.44
CA VAL B 9 -8.46 -14.12 3.30
C VAL B 9 -8.02 -14.59 4.68
N TYR B 10 -8.33 -13.82 5.70
CA TYR B 10 -7.80 -14.07 7.06
C TYR B 10 -8.53 -13.21 8.05
N SER B 11 -8.30 -13.46 9.34
CA SER B 11 -8.89 -12.68 10.42
C SER B 11 -7.93 -11.65 11.03
N ARG B 12 -8.49 -10.60 11.60
CA ARG B 12 -7.71 -9.59 12.30
C ARG B 12 -6.98 -10.18 13.50
N HIS B 13 -7.67 -11.04 14.23
CA HIS B 13 -7.12 -11.71 15.42
C HIS B 13 -7.22 -13.21 15.24
N PRO B 14 -6.43 -13.99 16.03
CA PRO B 14 -6.56 -15.45 15.89
C PRO B 14 -7.98 -15.92 16.19
N ALA B 15 -8.45 -16.87 15.42
CA ALA B 15 -9.87 -17.21 15.41
C ALA B 15 -10.22 -18.10 16.59
N GLU B 16 -11.16 -17.65 17.42
CA GLU B 16 -11.75 -18.53 18.42
C GLU B 16 -13.27 -18.54 18.30
N ASN B 17 -13.83 -19.75 18.17
CA ASN B 17 -15.26 -19.92 17.92
C ASN B 17 -16.15 -19.18 18.93
N GLY B 18 -17.11 -18.43 18.41
CA GLY B 18 -17.99 -17.62 19.26
C GLY B 18 -17.43 -16.29 19.74
N LYS B 19 -16.19 -15.97 19.37
CA LYS B 19 -15.59 -14.69 19.74
C LYS B 19 -15.59 -13.72 18.55
N SER B 20 -16.15 -12.54 18.75
CA SER B 20 -16.20 -11.50 17.72
C SER B 20 -14.81 -11.13 17.17
N ASN B 21 -14.77 -10.90 15.86
CA ASN B 21 -13.51 -10.73 15.13
C ASN B 21 -13.77 -9.91 13.86
N PHE B 22 -12.75 -9.80 13.00
CA PHE B 22 -12.90 -9.15 11.69
C PHE B 22 -12.40 -10.07 10.60
N LEU B 23 -13.23 -10.28 9.57
CA LEU B 23 -12.84 -11.06 8.39
C LEU B 23 -12.24 -10.09 7.38
N ASN B 24 -11.00 -10.35 6.95
CA ASN B 24 -10.29 -9.52 5.99
C ASN B 24 -10.11 -10.20 4.62
N CYS B 25 -10.28 -9.45 3.54
CA CYS B 25 -9.81 -9.89 2.22
C CYS B 25 -8.91 -8.81 1.67
N TYR B 26 -7.64 -9.14 1.48
CA TYR B 26 -6.63 -8.21 1.02
C TYR B 26 -6.30 -8.60 -0.41
N VAL B 27 -6.52 -7.66 -1.31
CA VAL B 27 -6.23 -7.83 -2.71
C VAL B 27 -5.10 -6.87 -3.05
N SER B 28 -4.10 -7.37 -3.73
CA SER B 28 -2.89 -6.63 -4.02
C SER B 28 -2.23 -7.09 -5.31
N GLY B 29 -1.31 -6.26 -5.80
CA GLY B 29 -0.52 -6.61 -6.95
C GLY B 29 -1.26 -6.51 -8.26
N PHE B 30 -2.40 -5.82 -8.28
CA PHE B 30 -3.25 -5.77 -9.46
C PHE B 30 -3.14 -4.45 -10.22
N HIS B 31 -3.44 -4.55 -11.51
CA HIS B 31 -3.47 -3.40 -12.39
C HIS B 31 -4.26 -3.80 -13.66
N PRO B 32 -5.22 -2.97 -14.09
CA PRO B 32 -5.69 -1.71 -13.54
C PRO B 32 -6.48 -1.85 -12.21
N SER B 33 -7.02 -0.74 -11.74
CA SER B 33 -7.48 -0.61 -10.36
C SER B 33 -8.89 -1.10 -10.11
N ASP B 34 -9.71 -1.20 -11.16
CA ASP B 34 -11.09 -1.67 -11.00
C ASP B 34 -11.08 -3.14 -10.57
N ILE B 35 -11.81 -3.41 -9.51
CA ILE B 35 -11.85 -4.74 -8.93
C ILE B 35 -13.16 -4.87 -8.15
N GLU B 36 -13.71 -6.08 -8.15
CA GLU B 36 -14.93 -6.41 -7.42
C GLU B 36 -14.58 -7.43 -6.36
N VAL B 37 -14.87 -7.11 -5.10
CA VAL B 37 -14.61 -8.05 -4.00
C VAL B 37 -15.85 -8.21 -3.16
N ASP B 38 -16.27 -9.47 -2.99
CA ASP B 38 -17.36 -9.84 -2.06
C ASP B 38 -16.78 -10.74 -0.95
N LEU B 39 -17.26 -10.54 0.27
CA LEU B 39 -17.04 -11.51 1.35
C LEU B 39 -18.29 -12.41 1.44
N LEU B 40 -18.08 -13.73 1.50
CA LEU B 40 -19.17 -14.72 1.53
C LEU B 40 -19.28 -15.43 2.89
N LYS B 41 -20.51 -15.63 3.34
CA LYS B 41 -20.84 -16.43 4.53
C LYS B 41 -21.71 -17.57 4.03
N ASN B 42 -21.17 -18.78 4.03
CA ASN B 42 -21.89 -19.95 3.53
C ASN B 42 -22.44 -19.73 2.11
N GLY B 43 -21.59 -19.18 1.25
CA GLY B 43 -21.92 -18.98 -0.15
C GLY B 43 -22.58 -17.66 -0.49
N GLU B 44 -23.21 -17.01 0.50
CA GLU B 44 -23.99 -15.79 0.25
C GLU B 44 -23.19 -14.54 0.58
N ARG B 45 -23.55 -13.44 -0.07
CA ARG B 45 -22.81 -12.19 0.05
C ARG B 45 -23.10 -11.49 1.37
N ILE B 46 -22.03 -11.16 2.09
CA ILE B 46 -22.16 -10.43 3.34
C ILE B 46 -22.41 -8.99 2.96
N GLU B 47 -23.34 -8.36 3.67
CA GLU B 47 -23.76 -7.00 3.33
C GLU B 47 -23.04 -5.99 4.21
N LYS B 48 -22.81 -4.79 3.65
CA LYS B 48 -22.14 -3.71 4.37
C LYS B 48 -20.70 -4.08 4.78
N VAL B 49 -20.04 -4.84 3.91
CA VAL B 49 -18.60 -5.00 3.93
C VAL B 49 -17.97 -3.64 3.59
N GLU B 50 -16.96 -3.25 4.36
CA GLU B 50 -16.25 -1.99 4.14
C GLU B 50 -14.90 -2.24 3.46
N HIS B 51 -14.31 -1.19 2.90
CA HIS B 51 -12.93 -1.28 2.39
C HIS B 51 -12.08 -0.05 2.69
N SER B 52 -10.76 -0.28 2.67
CA SER B 52 -9.77 0.77 2.71
C SER B 52 -9.84 1.66 1.47
N ASP B 53 -9.14 2.79 1.53
CA ASP B 53 -9.01 3.69 0.38
C ASP B 53 -7.94 3.16 -0.55
N LEU B 54 -8.16 3.34 -1.85
CA LEU B 54 -7.27 2.82 -2.88
C LEU B 54 -5.85 3.40 -2.84
N SER B 55 -4.88 2.50 -2.79
CA SER B 55 -3.47 2.86 -2.77
CA SER B 55 -3.48 2.93 -2.87
C SER B 55 -2.68 1.94 -3.68
N PHE B 56 -1.41 2.21 -3.84
CA PHE B 56 -0.57 1.40 -4.66
C PHE B 56 0.82 1.36 -4.09
N SER B 57 1.56 0.36 -4.53
CA SER B 57 2.88 0.02 -4.04
C SER B 57 3.95 0.62 -4.92
N LYS B 58 5.20 0.40 -4.51
CA LYS B 58 6.36 0.97 -5.17
C LYS B 58 6.41 0.56 -6.63
N ASP B 59 5.92 -0.64 -6.91
CA ASP B 59 5.83 -1.16 -8.27
C ASP B 59 4.57 -0.74 -9.07
N TRP B 60 3.78 0.19 -8.52
CA TRP B 60 2.61 0.81 -9.18
C TRP B 60 1.33 -0.03 -9.11
N SER B 61 1.44 -1.23 -8.56
CA SER B 61 0.31 -2.13 -8.47
C SER B 61 -0.56 -1.71 -7.29
N PHE B 62 -1.87 -1.93 -7.45
CA PHE B 62 -2.83 -1.49 -6.49
C PHE B 62 -3.08 -2.50 -5.37
N TYR B 63 -3.60 -1.99 -4.26
CA TYR B 63 -3.98 -2.87 -3.15
C TYR B 63 -5.11 -2.25 -2.38
N LEU B 64 -5.93 -3.14 -1.82
CA LEU B 64 -7.16 -2.82 -1.11
C LEU B 64 -7.46 -3.87 -0.02
N LEU B 65 -7.99 -3.43 1.11
CA LEU B 65 -8.47 -4.32 2.18
C LEU B 65 -9.99 -4.18 2.30
N TYR B 66 -10.70 -5.28 2.08
CA TYR B 66 -12.13 -5.35 2.36
C TYR B 66 -12.31 -6.11 3.68
N TYR B 67 -13.23 -5.65 4.53
CA TYR B 67 -13.39 -6.24 5.87
C TYR B 67 -14.81 -6.12 6.47
N THR B 68 -15.14 -7.04 7.37
CA THR B 68 -16.43 -7.04 8.04
C THR B 68 -16.26 -7.68 9.42
N GLU B 69 -16.98 -7.17 10.44
CA GLU B 69 -17.07 -7.88 11.73
C GLU B 69 -17.75 -9.22 11.53
N PHE B 70 -17.26 -10.23 12.24
CA PHE B 70 -17.85 -11.56 12.17
C PHE B 70 -17.50 -12.31 13.45
N THR B 71 -18.29 -13.32 13.75
CA THR B 71 -18.03 -14.20 14.88
C THR B 71 -17.90 -15.60 14.31
N PRO B 72 -16.65 -16.09 14.21
CA PRO B 72 -16.49 -17.40 13.62
C PRO B 72 -17.12 -18.47 14.52
N THR B 73 -17.67 -19.50 13.87
CA THR B 73 -18.19 -20.66 14.55
C THR B 73 -17.61 -21.87 13.83
N GLU B 74 -17.86 -23.06 14.37
CA GLU B 74 -17.22 -24.27 13.85
C GLU B 74 -17.76 -24.66 12.47
N LYS B 75 -19.02 -24.36 12.21
CA LYS B 75 -19.72 -24.85 11.01
C LYS B 75 -19.68 -23.85 9.84
N ASP B 76 -19.88 -22.57 10.14
CA ASP B 76 -19.96 -21.53 9.11
C ASP B 76 -18.65 -21.42 8.33
N GLU B 77 -18.74 -21.58 7.01
CA GLU B 77 -17.61 -21.38 6.11
C GLU B 77 -17.62 -19.93 5.63
N TYR B 78 -16.43 -19.34 5.58
CA TYR B 78 -16.28 -17.97 5.06
C TYR B 78 -15.33 -17.95 3.88
N ALA B 79 -15.56 -17.01 2.95
CA ALA B 79 -14.76 -16.89 1.73
C ALA B 79 -14.79 -15.47 1.13
N CYS B 80 -13.86 -15.23 0.20
CA CYS B 80 -13.72 -14.00 -0.56
C CYS B 80 -13.92 -14.35 -2.03
N ARG B 81 -14.71 -13.57 -2.76
CA ARG B 81 -14.87 -13.75 -4.21
C ARG B 81 -14.38 -12.51 -4.96
N VAL B 82 -13.39 -12.68 -5.82
CA VAL B 82 -12.75 -11.54 -6.47
C VAL B 82 -12.92 -11.57 -7.97
N ASN B 83 -13.32 -10.45 -8.57
CA ASN B 83 -13.24 -10.34 -10.04
C ASN B 83 -12.42 -9.12 -10.53
N HIS B 84 -11.65 -9.35 -11.59
CA HIS B 84 -10.79 -8.34 -12.19
C HIS B 84 -10.81 -8.62 -13.70
N VAL B 85 -10.44 -7.64 -14.51
CA VAL B 85 -10.36 -7.84 -15.98
C VAL B 85 -9.43 -9.00 -16.38
N THR B 86 -8.43 -9.28 -15.55
CA THR B 86 -7.49 -10.37 -15.80
C THR B 86 -8.08 -11.76 -15.54
N LEU B 87 -9.25 -11.82 -14.93
CA LEU B 87 -9.86 -13.08 -14.57
C LEU B 87 -11.08 -13.29 -15.46
N SER B 88 -11.11 -14.41 -16.16
CA SER B 88 -12.27 -14.79 -17.00
C SER B 88 -13.47 -15.16 -16.16
N GLN B 89 -13.24 -15.72 -14.97
N GLN B 89 -13.23 -15.66 -14.95
CA GLN B 89 -14.29 -16.01 -14.00
CA GLN B 89 -14.28 -16.00 -14.00
C GLN B 89 -13.88 -15.54 -12.59
C GLN B 89 -13.88 -15.53 -12.59
N PRO B 90 -14.86 -15.16 -11.74
CA PRO B 90 -14.55 -14.75 -10.37
C PRO B 90 -13.78 -15.82 -9.59
N LYS B 91 -12.73 -15.39 -8.89
CA LYS B 91 -11.89 -16.29 -8.10
C LYS B 91 -12.39 -16.32 -6.65
N ILE B 92 -12.68 -17.51 -6.16
CA ILE B 92 -13.15 -17.69 -4.79
C ILE B 92 -12.03 -18.31 -3.96
N VAL B 93 -11.73 -17.68 -2.81
CA VAL B 93 -10.72 -18.13 -1.89
C VAL B 93 -11.37 -18.31 -0.53
N LYS B 94 -11.27 -19.52 0.01
CA LYS B 94 -11.93 -19.87 1.25
C LYS B 94 -11.11 -19.40 2.46
N TRP B 95 -11.78 -19.00 3.52
CA TRP B 95 -11.07 -18.67 4.75
C TRP B 95 -10.56 -19.95 5.47
N ASP B 96 -9.25 -20.02 5.68
CA ASP B 96 -8.59 -21.07 6.46
C ASP B 96 -7.91 -20.40 7.66
N ARG B 97 -8.40 -20.68 8.86
CA ARG B 97 -7.84 -20.08 10.09
C ARG B 97 -6.35 -20.37 10.35
N ASP B 98 -5.78 -21.34 9.63
CA ASP B 98 -4.35 -21.65 9.75
C ASP B 98 -3.47 -20.94 8.69
N MET B 99 -4.06 -20.01 7.92
CA MET B 99 -3.35 -19.31 6.84
C MET B 99 -3.51 -17.77 6.91
N GLU C 1 2.34 18.13 4.01
CA GLU C 1 1.83 19.17 3.08
C GLU C 1 2.29 18.91 1.67
N GLU C 2 1.38 19.14 0.73
CA GLU C 2 1.66 18.91 -0.68
C GLU C 2 2.44 20.04 -1.31
N ASN C 3 2.99 19.74 -2.48
CA ASN C 3 3.67 20.67 -3.38
C ASN C 3 2.67 21.26 -4.36
N LEU C 4 2.61 22.59 -4.45
CA LEU C 4 1.85 23.27 -5.51
C LEU C 4 2.77 23.64 -6.67
N LEU C 5 2.94 22.71 -7.60
CA LEU C 5 3.91 22.86 -8.68
C LEU C 5 3.23 23.68 -9.80
N ASP C 6 3.87 24.77 -10.20
CA ASP C 6 3.25 25.76 -11.08
C ASP C 6 3.38 25.42 -12.56
N PHE C 7 2.24 25.37 -13.26
CA PHE C 7 2.18 25.09 -14.71
C PHE C 7 2.82 23.74 -15.14
N VAL C 8 2.85 22.75 -14.25
CA VAL C 8 3.44 21.45 -14.57
C VAL C 8 2.38 20.57 -15.25
N ARG C 9 2.64 20.20 -16.49
CA ARG C 9 1.75 19.34 -17.25
C ARG C 9 2.55 18.46 -18.20
N PHE C 10 1.98 17.34 -18.60
CA PHE C 10 2.63 16.36 -19.44
C PHE C 10 2.99 17.00 -20.79
#